data_4RD4
#
_entry.id   4RD4
#
_cell.length_a   46.390
_cell.length_b   60.950
_cell.length_c   143.420
_cell.angle_alpha   90.00
_cell.angle_beta   90.00
_cell.angle_gamma   90.00
#
_symmetry.space_group_name_H-M   'P 21 21 21'
#
loop_
_entity.id
_entity.type
_entity.pdbx_description
1 polymer 'Translation initiation factor 2 subunit gamma'
2 non-polymer 'PHOSPHOAMINOPHOSPHONIC ACID-GUANYLATE ESTER'
3 non-polymer 'MAGNESIUM ION'
4 non-polymer (4S)-2-METHYL-2,4-PENTANEDIOL
5 water water
#
_entity_poly.entity_id   1
_entity_poly.type   'polypeptide(L)'
_entity_poly.pdbx_seq_one_letter_code
;MAWPKVQPEVNIGVVGHVDHGKTTLVQAITGIWTSKHSEELKRGMTIKLGYAETNIGVCESCKKPEAYVTEPSCKSCGSD
DEPKFLRRISFIDAPGHEVLMATMLSGAALMDGAILVVAANEPFPQPQTREHFVALGIIGVKNLIIVQNKVDVVSKEEAL
SQYRQIKQFTKGTWAENVPIIPVSALHKINIDSLIEGIEEYIKTPYRDLSQKPVMLVIRSFDVNKPGTQFNELKGGVIGG
SIIQGLFKVDQEIKVLPGLRVEKQGKVSYEPIFTKISSIRFGDEEFKEAKPGGLVAIGTYLDPSLTKADNLLGSIITLAD
AEVPVLWNIRIKYNLLERVVGAKEMLKVDPIRAKETLMLSVGSSTTLGIVTSVKKDEIEVELRRPVAVWSNNIRTVISRQ
IAGRWRMIGWGLVEI
;
_entity_poly.pdbx_strand_id   A
#
loop_
_chem_comp.id
_chem_comp.type
_chem_comp.name
_chem_comp.formula
GNP non-polymer 'PHOSPHOAMINOPHOSPHONIC ACID-GUANYLATE ESTER' 'C10 H17 N6 O13 P3'
MG non-polymer 'MAGNESIUM ION' 'Mg 2'
MPD non-polymer (4S)-2-METHYL-2,4-PENTANEDIOL 'C6 H14 O2'
#
# COMPACT_ATOMS: atom_id res chain seq x y z
N ALA A 2 18.69 5.94 24.54
CA ALA A 2 17.96 4.93 23.79
C ALA A 2 16.77 5.53 23.06
N TRP A 3 16.34 4.87 21.99
CA TRP A 3 15.15 5.27 21.26
C TRP A 3 13.97 4.42 21.73
N PRO A 4 12.76 5.00 21.75
CA PRO A 4 11.63 4.20 22.24
C PRO A 4 11.25 3.14 21.23
N LYS A 5 10.51 2.13 21.68
CA LYS A 5 9.96 1.11 20.81
C LYS A 5 8.49 1.44 20.60
N VAL A 6 8.16 1.91 19.41
CA VAL A 6 6.80 2.34 19.10
C VAL A 6 6.38 1.78 17.74
N GLN A 7 5.08 1.74 17.46
CA GLN A 7 4.64 1.30 16.15
C GLN A 7 5.01 2.36 15.11
N PRO A 8 5.12 1.98 13.83
CA PRO A 8 5.28 3.02 12.81
C PRO A 8 4.05 3.93 12.80
N GLU A 9 4.27 5.19 12.49
CA GLU A 9 3.16 6.15 12.54
C GLU A 9 2.75 6.60 11.15
N VAL A 10 3.44 6.11 10.12
CA VAL A 10 3.18 6.54 8.75
C VAL A 10 3.52 5.41 7.78
N ASN A 11 2.74 5.31 6.70
CA ASN A 11 2.97 4.36 5.63
C ASN A 11 3.39 5.07 4.34
N ILE A 12 4.57 4.74 3.84
CA ILE A 12 5.06 5.35 2.60
C ILE A 12 5.07 4.31 1.50
N GLY A 13 4.25 4.51 0.47
CA GLY A 13 4.26 3.62 -0.67
C GLY A 13 5.53 3.77 -1.51
N VAL A 14 5.92 2.68 -2.15
CA VAL A 14 7.03 2.72 -3.10
C VAL A 14 6.53 2.13 -4.40
N VAL A 15 6.43 3.00 -5.41
CA VAL A 15 5.78 2.63 -6.65
C VAL A 15 6.68 2.99 -7.82
N GLY A 16 6.26 2.61 -9.03
CA GLY A 16 7.10 2.80 -10.20
C GLY A 16 7.17 1.57 -11.08
N HIS A 17 7.67 1.78 -12.30
CA HIS A 17 7.73 0.76 -13.34
C HIS A 17 8.60 -0.44 -12.92
N VAL A 18 8.35 -1.58 -13.56
CA VAL A 18 9.03 -2.82 -13.19
C VAL A 18 10.55 -2.66 -13.25
N ASP A 19 11.22 -3.16 -12.22
N ASP A 19 11.23 -3.14 -12.22
CA ASP A 19 12.68 -3.19 -12.13
CA ASP A 19 12.68 -3.17 -12.15
C ASP A 19 13.36 -1.82 -12.02
C ASP A 19 13.36 -1.82 -12.00
N HIS A 20 12.59 -0.77 -11.73
CA HIS A 20 13.19 0.54 -11.55
C HIS A 20 13.94 0.71 -10.22
N GLY A 21 13.72 -0.23 -9.30
CA GLY A 21 14.54 -0.29 -8.10
C GLY A 21 13.83 -0.04 -6.78
N LYS A 22 12.51 -0.23 -6.77
CA LYS A 22 11.70 -0.02 -5.56
C LYS A 22 12.16 -0.85 -4.35
N THR A 23 12.31 -2.14 -4.54
CA THR A 23 12.63 -3.04 -3.45
C THR A 23 14.07 -2.79 -2.98
N THR A 24 14.99 -2.55 -3.91
CA THR A 24 16.35 -2.18 -3.55
C THR A 24 16.40 -0.87 -2.76
N LEU A 25 15.56 0.08 -3.12
CA LEU A 25 15.48 1.34 -2.39
C LEU A 25 14.98 1.13 -0.95
N VAL A 26 13.94 0.33 -0.77
CA VAL A 26 13.47 0.02 0.57
C VAL A 26 14.58 -0.64 1.39
N GLN A 27 15.37 -1.51 0.75
CA GLN A 27 16.48 -2.16 1.43
C GLN A 27 17.57 -1.15 1.80
N ALA A 28 17.83 -0.19 0.91
CA ALA A 28 18.81 0.85 1.20
C ALA A 28 18.44 1.65 2.44
N ILE A 29 17.14 1.91 2.59
CA ILE A 29 16.66 2.72 3.71
C ILE A 29 16.55 1.92 5.02
N THR A 30 16.06 0.69 4.94
CA THR A 30 15.66 -0.06 6.13
C THR A 30 16.56 -1.24 6.45
N GLY A 31 17.39 -1.67 5.50
CA GLY A 31 18.19 -2.87 5.65
C GLY A 31 17.45 -4.16 5.38
N ILE A 32 16.16 -4.07 5.03
CA ILE A 32 15.29 -5.22 4.83
C ILE A 32 14.96 -5.45 3.36
N TRP A 33 15.04 -6.70 2.91
CA TRP A 33 14.54 -7.10 1.59
C TRP A 33 13.10 -7.55 1.75
N THR A 34 12.17 -6.86 1.11
CA THR A 34 10.75 -7.11 1.37
C THR A 34 10.19 -8.41 0.78
N SER A 35 10.90 -8.99 -0.18
CA SER A 35 10.38 -10.16 -0.89
C SER A 35 10.55 -11.41 -0.05
N LYS A 36 9.44 -12.09 0.22
CA LYS A 36 9.45 -13.23 1.14
C LYS A 36 8.98 -14.53 0.50
N HIS A 37 8.44 -14.44 -0.71
CA HIS A 37 7.82 -15.60 -1.35
C HIS A 37 8.76 -16.30 -2.31
N SER A 38 8.66 -17.62 -2.34
CA SER A 38 9.45 -18.45 -3.25
C SER A 38 9.48 -17.91 -4.68
N GLU A 39 8.31 -17.57 -5.21
CA GLU A 39 8.22 -17.17 -6.60
C GLU A 39 8.88 -15.82 -6.84
N GLU A 40 8.79 -14.93 -5.85
CA GLU A 40 9.48 -13.64 -5.92
C GLU A 40 10.99 -13.82 -5.97
N LEU A 41 11.51 -14.73 -5.17
CA LEU A 41 12.94 -15.00 -5.14
C LEU A 41 13.42 -15.65 -6.44
N LYS A 42 12.64 -16.57 -6.97
CA LYS A 42 13.01 -17.25 -8.21
C LYS A 42 12.96 -16.34 -9.42
N ARG A 43 12.00 -15.43 -9.44
CA ARG A 43 11.83 -14.53 -10.59
C ARG A 43 12.56 -13.21 -10.43
N GLY A 44 12.99 -12.90 -9.22
CA GLY A 44 13.64 -11.63 -8.95
C GLY A 44 12.69 -10.45 -9.15
N MET A 45 11.47 -10.59 -8.65
CA MET A 45 10.46 -9.54 -8.80
C MET A 45 9.58 -9.50 -7.56
N THR A 46 8.90 -8.37 -7.37
CA THR A 46 7.90 -8.27 -6.33
C THR A 46 6.59 -8.75 -6.88
N ILE A 47 5.88 -9.60 -6.14
CA ILE A 47 4.57 -10.06 -6.58
C ILE A 47 3.50 -9.61 -5.58
N LYS A 48 3.69 -9.96 -4.31
CA LYS A 48 2.82 -9.51 -3.22
C LYS A 48 3.30 -8.17 -2.70
N LEU A 49 2.45 -7.44 -2.00
CA LEU A 49 2.91 -6.21 -1.36
C LEU A 49 4.02 -6.55 -0.38
N GLY A 50 5.13 -5.82 -0.47
CA GLY A 50 6.19 -5.95 0.51
C GLY A 50 6.08 -4.90 1.61
N TYR A 51 6.81 -5.13 2.70
CA TYR A 51 6.72 -4.27 3.88
C TYR A 51 8.04 -4.22 4.65
N ALA A 52 8.40 -3.03 5.11
CA ALA A 52 9.54 -2.87 5.98
C ALA A 52 9.39 -1.63 6.84
N GLU A 53 10.02 -1.66 8.00
CA GLU A 53 9.99 -0.54 8.94
C GLU A 53 11.37 -0.01 9.24
N THR A 54 11.44 1.27 9.63
CA THR A 54 12.65 1.80 10.23
C THR A 54 12.37 2.96 11.16
N ASN A 55 13.18 3.07 12.21
CA ASN A 55 13.25 4.31 12.98
C ASN A 55 13.97 5.39 12.19
N ILE A 56 13.58 6.63 12.43
CA ILE A 56 14.24 7.80 11.85
C ILE A 56 14.64 8.74 12.99
N GLY A 57 15.87 9.24 12.94
CA GLY A 57 16.31 10.22 13.90
C GLY A 57 17.20 11.26 13.27
N VAL A 58 17.59 12.27 14.03
CA VAL A 58 18.44 13.32 13.50
C VAL A 58 19.54 13.71 14.50
N CYS A 59 20.76 13.81 14.01
CA CYS A 59 21.88 14.21 14.84
C CYS A 59 21.95 15.73 14.86
N GLU A 60 21.58 16.31 16.00
CA GLU A 60 21.41 17.76 16.09
C GLU A 60 22.72 18.53 15.99
N SER A 61 23.84 17.86 16.25
CA SER A 61 25.15 18.50 16.15
C SER A 61 25.72 18.45 14.73
N CYS A 62 25.13 17.60 13.89
CA CYS A 62 25.65 17.39 12.54
C CYS A 62 24.93 18.25 11.51
N LYS A 63 25.54 18.36 10.34
CA LYS A 63 24.91 19.06 9.23
C LYS A 63 24.00 18.12 8.45
N LYS A 64 22.97 18.68 7.86
CA LYS A 64 22.08 17.91 6.99
C LYS A 64 22.66 17.84 5.58
N PRO A 65 22.38 16.75 4.84
CA PRO A 65 21.47 15.65 5.18
C PRO A 65 22.10 14.51 5.98
N GLU A 66 23.42 14.50 6.17
CA GLU A 66 24.05 13.37 6.85
C GLU A 66 23.63 13.24 8.31
N ALA A 67 23.05 14.29 8.87
CA ALA A 67 22.51 14.25 10.22
C ALA A 67 21.36 13.25 10.34
N TYR A 68 20.71 12.93 9.24
CA TYR A 68 19.57 12.00 9.28
C TYR A 68 20.02 10.55 9.29
N VAL A 69 19.54 9.82 10.30
CA VAL A 69 19.99 8.46 10.55
C VAL A 69 18.82 7.51 10.79
N THR A 70 19.09 6.22 10.64
CA THR A 70 18.06 5.20 10.78
C THR A 70 18.38 4.27 11.94
N GLU A 71 19.39 4.65 12.72
CA GLU A 71 19.79 3.90 13.91
C GLU A 71 20.30 4.91 14.93
N PRO A 72 20.32 4.53 16.22
CA PRO A 72 20.67 5.53 17.24
C PRO A 72 22.16 5.79 17.38
N SER A 73 22.79 6.26 16.30
CA SER A 73 24.19 6.63 16.33
C SER A 73 24.45 7.83 15.44
N CYS A 74 25.40 8.68 15.85
CA CYS A 74 25.82 9.81 15.04
C CYS A 74 27.30 9.74 14.68
N LYS A 75 27.92 8.59 14.95
CA LYS A 75 29.35 8.43 14.74
C LYS A 75 29.76 8.67 13.29
N SER A 76 28.85 8.34 12.37
CA SER A 76 29.11 8.51 10.94
C SER A 76 29.29 9.97 10.55
N CYS A 77 28.52 10.86 11.16
CA CYS A 77 28.66 12.29 10.87
C CYS A 77 29.56 13.00 11.88
N GLY A 78 30.30 12.22 12.65
CA GLY A 78 31.36 12.76 13.50
C GLY A 78 30.96 13.19 14.90
N SER A 79 29.87 12.64 15.42
CA SER A 79 29.40 13.02 16.74
C SER A 79 29.20 11.82 17.65
N ASP A 80 29.55 11.99 18.92
CA ASP A 80 29.32 10.96 19.92
C ASP A 80 27.96 11.09 20.60
N ASP A 81 27.21 12.12 20.23
CA ASP A 81 25.88 12.33 20.83
C ASP A 81 24.89 11.32 20.29
N GLU A 82 23.82 11.07 21.05
CA GLU A 82 22.73 10.25 20.53
C GLU A 82 21.84 11.11 19.66
N PRO A 83 21.42 10.60 18.51
CA PRO A 83 20.49 11.36 17.66
C PRO A 83 19.12 11.47 18.34
N LYS A 84 18.40 12.54 18.02
CA LYS A 84 17.04 12.72 18.51
C LYS A 84 16.10 11.83 17.71
N PHE A 85 15.31 11.02 18.39
CA PHE A 85 14.32 10.18 17.72
C PHE A 85 13.25 11.08 17.14
N LEU A 86 12.88 10.82 15.88
CA LEU A 86 11.82 11.59 15.23
C LEU A 86 10.53 10.77 15.16
N ARG A 87 10.60 9.62 14.53
CA ARG A 87 9.42 8.76 14.38
C ARG A 87 9.84 7.44 13.78
N ARG A 88 8.96 6.44 13.86
CA ARG A 88 9.15 5.19 13.13
C ARG A 88 8.26 5.24 11.90
N ILE A 89 8.82 4.88 10.76
CA ILE A 89 8.11 4.91 9.49
C ILE A 89 8.07 3.49 8.90
N SER A 90 7.17 3.28 7.95
CA SER A 90 7.11 2.00 7.26
C SER A 90 6.85 2.21 5.79
N PHE A 91 7.16 1.18 5.00
CA PHE A 91 7.08 1.23 3.54
C PHE A 91 6.17 0.13 3.04
N ILE A 92 5.31 0.49 2.09
CA ILE A 92 4.47 -0.47 1.37
C ILE A 92 5.07 -0.56 -0.02
N ASP A 93 5.76 -1.68 -0.26
CA ASP A 93 6.55 -1.87 -1.46
C ASP A 93 5.70 -2.55 -2.53
N ALA A 94 5.30 -1.80 -3.55
CA ALA A 94 4.41 -2.33 -4.58
C ALA A 94 5.14 -3.03 -5.72
N PRO A 95 4.49 -4.02 -6.35
CA PRO A 95 5.03 -4.57 -7.60
C PRO A 95 4.88 -3.60 -8.76
N GLY A 96 5.88 -3.55 -9.64
CA GLY A 96 5.84 -2.71 -10.82
C GLY A 96 5.28 -3.41 -12.05
N HIS A 97 5.24 -4.74 -12.05
CA HIS A 97 4.82 -5.45 -13.26
C HIS A 97 3.42 -5.02 -13.70
N GLU A 98 3.24 -4.86 -15.01
CA GLU A 98 1.97 -4.40 -15.52
C GLU A 98 0.81 -5.33 -15.20
N VAL A 99 1.09 -6.63 -15.03
CA VAL A 99 0.03 -7.59 -14.70
C VAL A 99 -0.43 -7.48 -13.24
N LEU A 100 0.33 -6.75 -12.43
CA LEU A 100 0.07 -6.67 -11.01
C LEU A 100 -0.46 -5.31 -10.55
N MET A 101 -1.00 -4.54 -11.49
CA MET A 101 -1.54 -3.22 -11.13
C MET A 101 -2.56 -3.28 -10.00
N ALA A 102 -3.41 -4.32 -9.98
CA ALA A 102 -4.44 -4.42 -8.95
C ALA A 102 -3.81 -4.54 -7.57
N THR A 103 -2.66 -5.19 -7.49
CA THR A 103 -1.92 -5.29 -6.24
C THR A 103 -1.36 -3.93 -5.82
N MET A 104 -0.82 -3.17 -6.77
CA MET A 104 -0.41 -1.80 -6.47
C MET A 104 -1.60 -1.01 -5.91
N LEU A 105 -2.76 -1.15 -6.55
CA LEU A 105 -3.95 -0.41 -6.12
C LEU A 105 -4.37 -0.80 -4.70
N SER A 106 -4.28 -2.08 -4.38
CA SER A 106 -4.59 -2.57 -3.04
CA SER A 106 -4.62 -2.54 -3.04
CA SER A 106 -4.61 -2.55 -3.04
C SER A 106 -3.69 -1.92 -2.00
N GLY A 107 -2.41 -1.81 -2.33
CA GLY A 107 -1.46 -1.18 -1.43
C GLY A 107 -1.67 0.32 -1.33
N ALA A 108 -2.11 0.94 -2.42
CA ALA A 108 -2.32 2.38 -2.42
C ALA A 108 -3.38 2.82 -1.41
N ALA A 109 -4.34 1.94 -1.12
CA ALA A 109 -5.36 2.20 -0.10
C ALA A 109 -4.77 2.33 1.30
N LEU A 110 -3.52 1.90 1.47
CA LEU A 110 -2.87 1.91 2.78
C LEU A 110 -1.83 3.01 2.89
N MET A 111 -1.60 3.75 1.81
CA MET A 111 -0.50 4.72 1.78
C MET A 111 -0.87 6.10 2.33
N ASP A 112 0.04 6.66 3.13
CA ASP A 112 -0.11 8.05 3.62
C ASP A 112 0.67 9.03 2.75
N GLY A 113 1.57 8.49 1.94
CA GLY A 113 2.40 9.25 1.02
C GLY A 113 3.09 8.21 0.16
N ALA A 114 3.90 8.67 -0.79
CA ALA A 114 4.57 7.72 -1.68
C ALA A 114 5.85 8.26 -2.25
N ILE A 115 6.71 7.32 -2.61
CA ILE A 115 7.87 7.57 -3.44
C ILE A 115 7.65 6.91 -4.79
N LEU A 116 7.71 7.71 -5.85
CA LEU A 116 7.69 7.17 -7.20
C LEU A 116 9.12 7.03 -7.67
N VAL A 117 9.58 5.80 -7.86
CA VAL A 117 10.95 5.51 -8.27
C VAL A 117 11.00 5.50 -9.79
N VAL A 118 11.86 6.34 -10.36
CA VAL A 118 12.08 6.44 -11.81
C VAL A 118 13.52 6.09 -12.12
N ALA A 119 13.74 5.05 -12.94
CA ALA A 119 15.11 4.68 -13.31
C ALA A 119 15.72 5.66 -14.30
N ALA A 120 16.91 6.14 -13.97
CA ALA A 120 17.59 7.10 -14.83
C ALA A 120 18.08 6.51 -16.16
N ASN A 121 18.22 5.19 -16.23
CA ASN A 121 18.75 4.54 -17.42
C ASN A 121 17.68 3.88 -18.29
N GLU A 122 16.44 4.32 -18.12
CA GLU A 122 15.36 3.85 -18.98
CA GLU A 122 15.32 3.85 -18.93
C GLU A 122 14.61 5.04 -19.54
N PRO A 123 14.03 4.87 -20.73
CA PRO A 123 13.25 5.97 -21.30
C PRO A 123 12.14 6.37 -20.35
N PHE A 124 11.74 7.63 -20.43
CA PHE A 124 10.76 8.21 -19.53
C PHE A 124 9.68 8.86 -20.38
N PRO A 125 8.41 8.70 -19.98
CA PRO A 125 7.90 7.92 -18.84
C PRO A 125 7.43 6.54 -19.28
N GLN A 126 7.94 5.50 -18.61
CA GLN A 126 7.51 4.15 -18.93
C GLN A 126 6.07 3.93 -18.51
N PRO A 127 5.42 2.91 -19.08
CA PRO A 127 3.99 2.67 -18.82
C PRO A 127 3.57 2.64 -17.34
N GLN A 128 4.27 1.92 -16.47
CA GLN A 128 3.84 1.91 -15.07
C GLN A 128 4.36 3.10 -14.25
N THR A 129 5.33 3.83 -14.78
CA THR A 129 5.62 5.15 -14.21
C THR A 129 4.36 6.00 -14.37
N ARG A 130 3.82 6.05 -15.58
CA ARG A 130 2.58 6.77 -15.81
C ARG A 130 1.42 6.21 -15.02
N GLU A 131 1.25 4.89 -15.06
CA GLU A 131 0.08 4.28 -14.45
C GLU A 131 0.06 4.43 -12.92
N HIS A 132 1.20 4.20 -12.27
CA HIS A 132 1.26 4.37 -10.83
C HIS A 132 1.08 5.84 -10.44
N PHE A 133 1.64 6.76 -11.22
CA PHE A 133 1.46 8.18 -10.97
C PHE A 133 -0.01 8.56 -11.02
N VAL A 134 -0.70 8.13 -12.07
CA VAL A 134 -2.13 8.44 -12.22
C VAL A 134 -2.93 7.81 -11.08
N ALA A 135 -2.58 6.59 -10.70
CA ALA A 135 -3.27 5.92 -9.59
C ALA A 135 -3.12 6.70 -8.27
N LEU A 136 -1.93 7.22 -8.01
CA LEU A 136 -1.73 8.00 -6.80
C LEU A 136 -2.61 9.24 -6.82
N GLY A 137 -2.72 9.85 -7.99
CA GLY A 137 -3.54 11.03 -8.14
C GLY A 137 -5.00 10.72 -7.91
N ILE A 138 -5.47 9.63 -8.49
CA ILE A 138 -6.86 9.21 -8.33
C ILE A 138 -7.22 8.93 -6.87
N ILE A 139 -6.34 8.21 -6.19
CA ILE A 139 -6.58 7.77 -4.83
C ILE A 139 -6.35 8.90 -3.82
N GLY A 140 -5.58 9.91 -4.23
CA GLY A 140 -5.38 11.11 -3.42
C GLY A 140 -4.12 11.04 -2.57
N VAL A 141 -3.19 10.19 -2.97
CA VAL A 141 -1.91 10.08 -2.27
C VAL A 141 -1.00 11.16 -2.84
N LYS A 142 -1.22 12.40 -2.39
CA LYS A 142 -0.56 13.55 -2.98
C LYS A 142 0.74 13.95 -2.32
N ASN A 143 1.07 13.32 -1.20
CA ASN A 143 2.36 13.57 -0.57
C ASN A 143 3.40 12.65 -1.18
N LEU A 144 3.98 13.16 -2.27
CA LEU A 144 4.81 12.39 -3.17
C LEU A 144 6.24 12.93 -3.20
N ILE A 145 7.19 12.02 -3.23
CA ILE A 145 8.56 12.33 -3.61
C ILE A 145 8.89 11.49 -4.84
N ILE A 146 9.48 12.11 -5.86
CA ILE A 146 9.99 11.33 -6.97
C ILE A 146 11.47 11.04 -6.72
N VAL A 147 11.84 9.78 -6.82
CA VAL A 147 13.23 9.39 -6.67
C VAL A 147 13.78 9.00 -8.03
N GLN A 148 14.84 9.67 -8.45
CA GLN A 148 15.54 9.30 -9.67
C GLN A 148 16.63 8.31 -9.28
N ASN A 149 16.36 7.03 -9.55
CA ASN A 149 17.24 5.94 -9.13
C ASN A 149 18.21 5.55 -10.25
N LYS A 150 19.20 4.74 -9.91
CA LYS A 150 20.20 4.23 -10.86
C LYS A 150 21.04 5.32 -11.49
N VAL A 151 21.26 6.42 -10.79
CA VAL A 151 22.11 7.46 -11.35
C VAL A 151 23.57 6.99 -11.50
N ASP A 152 23.91 5.87 -10.85
CA ASP A 152 25.25 5.29 -10.92
C ASP A 152 25.61 4.76 -12.31
N VAL A 153 24.63 4.56 -13.17
CA VAL A 153 24.91 4.00 -14.49
C VAL A 153 24.56 4.93 -15.66
N VAL A 154 24.38 6.21 -15.37
CA VAL A 154 24.20 7.21 -16.43
C VAL A 154 25.12 8.41 -16.18
N SER A 155 25.36 9.19 -17.23
CA SER A 155 26.18 10.38 -17.10
C SER A 155 25.44 11.47 -16.34
N LYS A 156 26.17 12.44 -15.80
CA LYS A 156 25.55 13.58 -15.14
C LYS A 156 24.62 14.31 -16.10
N GLU A 157 25.06 14.45 -17.35
CA GLU A 157 24.26 15.10 -18.38
C GLU A 157 22.94 14.38 -18.62
N GLU A 158 22.96 13.05 -18.67
CA GLU A 158 21.75 12.28 -18.94
C GLU A 158 20.81 12.38 -17.76
N ALA A 159 21.35 12.32 -16.54
CA ALA A 159 20.50 12.44 -15.35
C ALA A 159 19.82 13.81 -15.32
N LEU A 160 20.57 14.84 -15.68
CA LEU A 160 20.02 16.20 -15.72
C LEU A 160 18.92 16.35 -16.78
N SER A 161 19.15 15.78 -17.95
CA SER A 161 18.15 15.77 -19.01
C SER A 161 16.87 15.09 -18.54
N GLN A 162 16.99 13.92 -17.92
CA GLN A 162 15.81 13.24 -17.45
C GLN A 162 15.11 14.05 -16.35
N TYR A 163 15.91 14.66 -15.46
CA TYR A 163 15.37 15.48 -14.38
C TYR A 163 14.44 16.55 -14.95
N ARG A 164 14.88 17.20 -16.02
CA ARG A 164 14.07 18.22 -16.65
C ARG A 164 12.80 17.64 -17.27
N GLN A 165 12.87 16.45 -17.86
N GLN A 165 12.93 16.45 -17.88
CA GLN A 165 11.67 15.83 -18.38
CA GLN A 165 11.79 15.67 -18.40
C GLN A 165 10.70 15.43 -17.27
C GLN A 165 10.76 15.46 -17.30
N ILE A 166 11.24 15.03 -16.13
CA ILE A 166 10.36 14.70 -15.01
C ILE A 166 9.62 15.95 -14.53
N LYS A 167 10.34 17.07 -14.39
N LYS A 167 10.34 17.06 -14.37
CA LYS A 167 9.72 18.32 -13.98
CA LYS A 167 9.73 18.32 -13.98
C LYS A 167 8.68 18.80 -14.99
C LYS A 167 8.66 18.76 -14.99
N GLN A 168 8.93 18.57 -16.28
CA GLN A 168 7.95 18.94 -17.30
C GLN A 168 6.73 18.04 -17.26
N PHE A 169 6.95 16.76 -16.94
CA PHE A 169 5.86 15.81 -16.77
C PHE A 169 4.90 16.24 -15.67
N THR A 170 5.43 16.68 -14.53
CA THR A 170 4.57 17.08 -13.42
C THR A 170 4.00 18.50 -13.56
N LYS A 171 4.60 19.32 -14.43
CA LYS A 171 4.14 20.68 -14.67
C LYS A 171 2.66 20.68 -15.04
N GLY A 172 1.87 21.52 -14.38
CA GLY A 172 0.45 21.62 -14.68
C GLY A 172 -0.38 20.49 -14.10
N THR A 173 0.25 19.65 -13.28
CA THR A 173 -0.48 18.61 -12.55
C THR A 173 -0.44 18.88 -11.05
N TRP A 174 -1.19 18.08 -10.29
CA TRP A 174 -1.18 18.16 -8.83
C TRP A 174 0.23 17.99 -8.26
N ALA A 175 1.11 17.35 -9.03
CA ALA A 175 2.45 17.05 -8.55
C ALA A 175 3.51 18.06 -8.99
N GLU A 176 3.07 19.21 -9.49
CA GLU A 176 4.00 20.22 -10.03
C GLU A 176 5.18 20.56 -9.11
N ASN A 177 4.92 20.63 -7.80
CA ASN A 177 5.93 21.04 -6.84
C ASN A 177 6.66 19.90 -6.16
N VAL A 178 6.36 18.67 -6.56
CA VAL A 178 6.95 17.49 -5.93
C VAL A 178 8.47 17.46 -6.19
N PRO A 179 9.25 17.18 -5.14
CA PRO A 179 10.70 17.15 -5.30
C PRO A 179 11.17 15.89 -6.02
N ILE A 180 12.31 16.02 -6.70
CA ILE A 180 12.99 14.90 -7.32
C ILE A 180 14.31 14.75 -6.61
N ILE A 181 14.56 13.56 -6.05
CA ILE A 181 15.79 13.29 -5.33
C ILE A 181 16.55 12.16 -6.04
N PRO A 182 17.76 12.46 -6.54
CA PRO A 182 18.56 11.44 -7.23
C PRO A 182 19.29 10.55 -6.23
N VAL A 183 19.26 9.24 -6.47
CA VAL A 183 19.94 8.30 -5.58
C VAL A 183 20.44 7.12 -6.39
N SER A 184 21.35 6.36 -5.77
CA SER A 184 21.59 4.99 -6.20
C SER A 184 21.16 4.08 -5.05
N ALA A 185 20.06 3.36 -5.24
CA ALA A 185 19.64 2.40 -4.24
C ALA A 185 20.66 1.27 -4.10
N LEU A 186 21.23 0.85 -5.22
CA LEU A 186 22.18 -0.26 -5.23
C LEU A 186 23.44 0.04 -4.42
N HIS A 187 23.96 1.25 -4.59
CA HIS A 187 25.22 1.62 -3.92
C HIS A 187 24.99 2.50 -2.71
N LYS A 188 23.73 2.70 -2.35
CA LYS A 188 23.35 3.47 -1.16
C LYS A 188 23.93 4.89 -1.20
N ILE A 189 23.72 5.55 -2.34
CA ILE A 189 24.18 6.91 -2.55
C ILE A 189 23.04 7.91 -2.41
N ASN A 190 23.24 8.92 -1.57
CA ASN A 190 22.29 10.02 -1.34
C ASN A 190 21.01 9.58 -0.65
N ILE A 191 21.08 8.46 0.07
CA ILE A 191 19.92 8.00 0.82
C ILE A 191 19.60 8.95 1.97
N ASP A 192 20.62 9.60 2.53
CA ASP A 192 20.38 10.55 3.60
C ASP A 192 19.52 11.74 3.14
N SER A 193 19.76 12.22 1.92
CA SER A 193 18.90 13.26 1.36
C SER A 193 17.45 12.78 1.21
N LEU A 194 17.29 11.51 0.86
CA LEU A 194 15.94 10.95 0.75
C LEU A 194 15.24 10.88 2.10
N ILE A 195 15.95 10.46 3.15
CA ILE A 195 15.36 10.44 4.49
CA ILE A 195 15.39 10.45 4.49
C ILE A 195 14.93 11.85 4.89
N GLU A 196 15.79 12.84 4.63
CA GLU A 196 15.45 14.22 4.91
C GLU A 196 14.18 14.63 4.16
N GLY A 197 14.11 14.21 2.89
CA GLY A 197 12.96 14.51 2.05
C GLY A 197 11.69 13.88 2.58
N ILE A 198 11.79 12.65 3.06
CA ILE A 198 10.65 11.98 3.66
C ILE A 198 10.14 12.77 4.88
N GLU A 199 11.06 13.25 5.72
CA GLU A 199 10.67 14.05 6.88
C GLU A 199 9.97 15.34 6.47
N GLU A 200 10.46 15.95 5.40
CA GLU A 200 9.96 17.26 4.98
CA GLU A 200 9.98 17.26 4.96
C GLU A 200 8.66 17.19 4.18
N TYR A 201 8.54 16.18 3.33
CA TYR A 201 7.43 16.11 2.37
C TYR A 201 6.39 15.05 2.68
N ILE A 202 6.73 14.10 3.56
CA ILE A 202 5.76 13.06 3.89
C ILE A 202 5.56 13.05 5.40
N LYS A 203 4.91 14.10 5.87
CA LYS A 203 4.63 14.25 7.28
C LYS A 203 3.60 13.24 7.72
N THR A 204 3.64 12.88 9.00
CA THR A 204 2.62 12.00 9.54
C THR A 204 1.28 12.72 9.50
N PRO A 205 0.26 12.11 8.87
CA PRO A 205 -1.02 12.81 8.78
C PRO A 205 -1.78 12.80 10.10
N TYR A 206 -2.76 13.68 10.20
CA TYR A 206 -3.72 13.61 11.29
C TYR A 206 -4.45 12.29 11.21
N ARG A 207 -4.74 11.72 12.38
CA ARG A 207 -5.54 10.50 12.46
C ARG A 207 -6.84 10.77 13.18
N ASP A 208 -7.85 9.94 12.93
CA ASP A 208 -9.08 10.03 13.70
CA ASP A 208 -9.08 10.03 13.68
C ASP A 208 -9.28 8.75 14.49
N LEU A 209 -8.96 8.83 15.78
CA LEU A 209 -9.00 7.68 16.67
C LEU A 209 -10.38 7.45 17.27
N SER A 210 -11.34 8.33 16.96
CA SER A 210 -12.67 8.24 17.55
C SER A 210 -13.71 7.59 16.66
N GLN A 211 -13.46 7.53 15.35
CA GLN A 211 -14.42 6.87 14.48
C GLN A 211 -14.30 5.38 14.70
N LYS A 212 -15.29 4.62 14.22
CA LYS A 212 -15.29 3.19 14.47
C LYS A 212 -14.04 2.57 13.86
N PRO A 213 -13.37 1.70 14.63
CA PRO A 213 -12.13 1.09 14.14
C PRO A 213 -12.35 0.28 12.88
N VAL A 214 -11.48 0.49 11.90
CA VAL A 214 -11.50 -0.27 10.66
C VAL A 214 -10.07 -0.56 10.27
N MET A 215 -9.80 -1.83 9.98
CA MET A 215 -8.52 -2.25 9.43
C MET A 215 -8.74 -2.88 8.06
N LEU A 216 -7.93 -2.47 7.08
CA LEU A 216 -7.97 -3.09 5.75
C LEU A 216 -6.98 -4.24 5.74
N VAL A 217 -7.44 -5.44 5.40
CA VAL A 217 -6.60 -6.61 5.47
C VAL A 217 -5.83 -6.84 4.17
N ILE A 218 -4.51 -7.01 4.27
CA ILE A 218 -3.74 -7.36 3.08
C ILE A 218 -2.94 -8.65 3.24
N ARG A 219 -2.87 -9.20 4.44
CA ARG A 219 -2.14 -10.43 4.69
C ARG A 219 -2.90 -11.27 5.69
N SER A 220 -2.73 -12.59 5.61
CA SER A 220 -3.15 -13.42 6.72
C SER A 220 -2.28 -14.67 6.74
N PHE A 221 -2.02 -15.21 7.93
CA PHE A 221 -0.95 -16.18 8.13
C PHE A 221 -1.34 -17.25 9.11
N ASP A 222 -0.71 -18.41 8.93
CA ASP A 222 -0.53 -19.40 10.00
C ASP A 222 0.90 -19.20 10.48
N VAL A 223 1.06 -18.75 11.72
CA VAL A 223 2.37 -18.41 12.25
CA VAL A 223 2.35 -18.40 12.28
C VAL A 223 3.07 -19.60 12.93
N ASN A 224 2.36 -20.71 13.06
CA ASN A 224 2.95 -21.89 13.67
C ASN A 224 4.01 -22.55 12.79
N LYS A 225 5.24 -22.56 13.30
CA LYS A 225 6.39 -23.08 12.57
C LYS A 225 6.72 -24.49 13.04
N PRO A 226 7.41 -25.27 12.18
CA PRO A 226 7.83 -26.61 12.63
C PRO A 226 8.75 -26.52 13.83
N GLY A 227 8.74 -27.55 14.68
CA GLY A 227 9.60 -27.60 15.84
C GLY A 227 9.17 -26.70 16.98
N THR A 228 7.91 -26.30 16.97
CA THR A 228 7.35 -25.43 18.02
C THR A 228 6.65 -26.25 19.09
N GLN A 229 6.98 -25.98 20.36
CA GLN A 229 6.35 -26.67 21.47
C GLN A 229 4.87 -26.30 21.53
N PHE A 230 4.06 -27.18 22.08
CA PHE A 230 2.60 -27.00 22.08
C PHE A 230 2.11 -25.67 22.66
N ASN A 231 2.67 -25.26 23.79
CA ASN A 231 2.22 -24.05 24.47
C ASN A 231 2.64 -22.76 23.77
N GLU A 232 3.36 -22.88 22.66
CA GLU A 232 3.74 -21.72 21.86
C GLU A 232 2.96 -21.67 20.55
N LEU A 233 2.08 -22.64 20.33
CA LEU A 233 1.19 -22.62 19.18
C LEU A 233 0.16 -21.50 19.35
N LYS A 234 -0.28 -20.91 18.23
CA LYS A 234 -1.18 -19.77 18.25
C LYS A 234 -2.28 -19.85 17.19
N GLY A 235 -3.35 -19.08 17.39
CA GLY A 235 -4.40 -18.98 16.40
C GLY A 235 -3.96 -18.17 15.19
N GLY A 236 -4.85 -18.05 14.21
CA GLY A 236 -4.53 -17.34 12.98
C GLY A 236 -4.22 -15.88 13.18
N VAL A 237 -3.36 -15.34 12.32
CA VAL A 237 -2.94 -13.94 12.40
C VAL A 237 -3.41 -13.22 11.14
N ILE A 238 -3.91 -12.01 11.31
CA ILE A 238 -4.43 -11.23 10.19
C ILE A 238 -3.68 -9.91 10.15
N GLY A 239 -3.13 -9.56 8.98
CA GLY A 239 -2.32 -8.38 8.85
C GLY A 239 -2.93 -7.33 7.94
N GLY A 240 -2.73 -6.07 8.30
CA GLY A 240 -3.27 -4.99 7.52
C GLY A 240 -2.94 -3.65 8.12
N SER A 241 -3.63 -2.63 7.66
CA SER A 241 -3.40 -1.29 8.18
CA SER A 241 -3.41 -1.25 8.12
CA SER A 241 -3.40 -1.29 8.16
C SER A 241 -4.70 -0.70 8.72
N ILE A 242 -4.61 -0.11 9.88
CA ILE A 242 -5.75 0.51 10.53
C ILE A 242 -5.94 1.89 9.90
N ILE A 243 -7.11 2.13 9.34
CA ILE A 243 -7.31 3.39 8.62
C ILE A 243 -8.03 4.43 9.47
N GLN A 244 -8.68 3.97 10.52
CA GLN A 244 -9.33 4.87 11.47
C GLN A 244 -9.58 4.12 12.77
N GLY A 245 -9.69 4.88 13.85
CA GLY A 245 -9.89 4.32 15.16
C GLY A 245 -8.64 3.58 15.65
N LEU A 246 -8.85 2.67 16.58
CA LEU A 246 -7.76 1.88 17.11
CA LEU A 246 -7.75 1.87 17.10
C LEU A 246 -8.28 0.55 17.63
N PHE A 247 -7.38 -0.41 17.79
CA PHE A 247 -7.75 -1.73 18.26
C PHE A 247 -6.92 -2.08 19.48
N LYS A 248 -7.46 -2.92 20.34
CA LYS A 248 -6.79 -3.31 21.58
C LYS A 248 -6.88 -4.82 21.80
N VAL A 249 -5.87 -5.37 22.47
CA VAL A 249 -5.92 -6.78 22.88
C VAL A 249 -7.18 -7.02 23.69
N ASP A 250 -7.82 -8.17 23.45
CA ASP A 250 -9.03 -8.64 24.12
C ASP A 250 -10.32 -8.04 23.56
N GLN A 251 -10.22 -7.21 22.54
CA GLN A 251 -11.43 -6.70 21.90
C GLN A 251 -12.09 -7.75 21.03
N GLU A 252 -13.41 -7.77 21.08
CA GLU A 252 -14.20 -8.60 20.18
C GLU A 252 -14.27 -7.93 18.83
N ILE A 253 -13.87 -8.66 17.78
CA ILE A 253 -13.83 -8.13 16.42
C ILE A 253 -14.54 -9.07 15.47
N LYS A 254 -14.78 -8.59 14.25
CA LYS A 254 -15.26 -9.45 13.18
C LYS A 254 -14.52 -9.16 11.89
N VAL A 255 -14.41 -10.18 11.05
CA VAL A 255 -13.82 -10.05 9.74
C VAL A 255 -14.94 -10.06 8.72
N LEU A 256 -14.95 -9.05 7.86
CA LEU A 256 -15.96 -8.91 6.81
C LEU A 256 -15.33 -8.90 5.43
N PRO A 257 -16.00 -9.51 4.43
CA PRO A 257 -17.34 -10.12 4.46
C PRO A 257 -17.39 -11.42 5.26
N GLY A 258 -16.25 -12.07 5.41
CA GLY A 258 -16.20 -13.31 6.18
C GLY A 258 -15.89 -14.55 5.34
N LEU A 259 -16.57 -15.64 5.65
CA LEU A 259 -16.34 -16.92 4.98
C LEU A 259 -17.46 -17.21 3.98
N ARG A 260 -17.08 -17.69 2.79
CA ARG A 260 -18.06 -18.10 1.78
C ARG A 260 -18.71 -19.42 2.18
N VAL A 261 -20.02 -19.40 2.38
CA VAL A 261 -20.75 -20.60 2.79
C VAL A 261 -22.07 -20.71 2.05
N GLU A 262 -22.77 -21.82 2.24
CA GLU A 262 -24.12 -21.94 1.72
C GLU A 262 -25.13 -21.62 2.82
N LYS A 263 -26.18 -20.88 2.45
CA LYS A 263 -27.28 -20.63 3.36
C LYS A 263 -28.58 -20.56 2.55
N GLN A 264 -29.47 -21.51 2.79
CA GLN A 264 -30.75 -21.58 2.08
C GLN A 264 -30.58 -21.72 0.57
N GLY A 265 -29.69 -22.63 0.17
CA GLY A 265 -29.49 -22.96 -1.22
C GLY A 265 -28.81 -21.89 -2.04
N LYS A 266 -28.34 -20.84 -1.37
CA LYS A 266 -27.65 -19.75 -2.05
C LYS A 266 -26.32 -19.45 -1.36
N VAL A 267 -25.41 -18.86 -2.13
CA VAL A 267 -24.11 -18.47 -1.60
C VAL A 267 -24.29 -17.28 -0.67
N SER A 268 -23.58 -17.30 0.45
CA SER A 268 -23.64 -16.24 1.42
C SER A 268 -22.27 -16.06 2.05
N TYR A 269 -22.04 -14.89 2.64
CA TYR A 269 -20.81 -14.69 3.43
C TYR A 269 -21.14 -14.54 4.90
N GLU A 270 -20.51 -15.40 5.71
CA GLU A 270 -20.73 -15.42 7.14
C GLU A 270 -19.63 -14.62 7.80
N PRO A 271 -19.98 -13.54 8.51
CA PRO A 271 -18.98 -12.77 9.26
C PRO A 271 -18.19 -13.66 10.22
N ILE A 272 -16.89 -13.47 10.28
CA ILE A 272 -16.03 -14.25 11.17
C ILE A 272 -15.82 -13.49 12.47
N PHE A 273 -16.37 -14.02 13.56
CA PHE A 273 -16.22 -13.40 14.86
C PHE A 273 -15.06 -14.01 15.62
N THR A 274 -14.23 -13.16 16.20
CA THR A 274 -13.13 -13.61 17.03
C THR A 274 -12.73 -12.52 18.02
N LYS A 275 -11.61 -12.72 18.69
CA LYS A 275 -11.12 -11.79 19.70
C LYS A 275 -9.64 -11.57 19.43
N ILE A 276 -9.15 -10.36 19.70
CA ILE A 276 -7.73 -10.10 19.52
C ILE A 276 -6.92 -10.72 20.65
N SER A 277 -6.04 -11.65 20.31
CA SER A 277 -5.19 -12.33 21.29
C SER A 277 -3.86 -11.62 21.47
N SER A 278 -3.41 -10.93 20.44
CA SER A 278 -2.13 -10.22 20.49
C SER A 278 -2.03 -9.23 19.35
N ILE A 279 -1.12 -8.27 19.48
CA ILE A 279 -0.88 -7.26 18.47
C ILE A 279 0.62 -7.13 18.30
N ARG A 280 1.09 -7.17 17.05
CA ARG A 280 2.51 -7.00 16.74
C ARG A 280 2.68 -6.07 15.55
N PHE A 281 3.75 -5.27 15.59
CA PHE A 281 4.25 -4.56 14.43
C PHE A 281 5.69 -5.01 14.29
N GLY A 282 6.03 -5.58 13.13
CA GLY A 282 7.37 -6.12 12.95
C GLY A 282 7.63 -7.18 14.00
N ASP A 283 8.72 -7.03 14.76
CA ASP A 283 9.08 -8.01 15.78
C ASP A 283 8.70 -7.60 17.19
N GLU A 284 7.83 -6.60 17.30
CA GLU A 284 7.49 -6.04 18.60
C GLU A 284 6.01 -6.21 18.98
N GLU A 285 5.75 -6.59 20.22
CA GLU A 285 4.38 -6.71 20.70
C GLU A 285 3.87 -5.43 21.35
N PHE A 286 2.58 -5.18 21.18
CA PHE A 286 1.93 -4.02 21.78
C PHE A 286 0.57 -4.42 22.29
N LYS A 287 -0.04 -3.56 23.10
CA LYS A 287 -1.36 -3.84 23.67
C LYS A 287 -2.45 -3.13 22.88
N GLU A 288 -2.04 -2.17 22.07
CA GLU A 288 -3.00 -1.51 21.20
C GLU A 288 -2.34 -1.11 19.88
N ALA A 289 -3.18 -0.85 18.89
CA ALA A 289 -2.69 -0.55 17.54
C ALA A 289 -3.50 0.60 16.96
N LYS A 290 -2.77 1.53 16.35
CA LYS A 290 -3.34 2.75 15.78
C LYS A 290 -3.00 2.78 14.29
N PRO A 291 -3.55 3.77 13.54
CA PRO A 291 -3.11 3.90 12.15
C PRO A 291 -1.61 4.10 12.01
N GLY A 292 -1.07 3.66 10.89
CA GLY A 292 0.36 3.67 10.67
C GLY A 292 0.89 2.27 10.87
N GLY A 293 1.78 1.86 9.97
CA GLY A 293 2.35 0.53 10.01
C GLY A 293 1.40 -0.54 9.52
N LEU A 294 1.97 -1.72 9.26
CA LEU A 294 1.18 -2.91 9.00
C LEU A 294 1.15 -3.70 10.30
N VAL A 295 -0.03 -3.80 10.89
CA VAL A 295 -0.18 -4.52 12.15
C VAL A 295 -0.54 -5.99 11.89
N ALA A 296 -0.03 -6.87 12.74
CA ALA A 296 -0.40 -8.28 12.76
C ALA A 296 -1.32 -8.51 13.96
N ILE A 297 -2.59 -8.80 13.67
CA ILE A 297 -3.60 -9.02 14.69
C ILE A 297 -3.69 -10.53 14.93
N GLY A 298 -3.31 -10.94 16.12
CA GLY A 298 -3.44 -12.34 16.51
C GLY A 298 -4.87 -12.60 16.92
N THR A 299 -5.40 -13.74 16.51
CA THR A 299 -6.77 -14.10 16.83
C THR A 299 -6.82 -15.49 17.45
N TYR A 300 -8.02 -15.95 17.77
CA TYR A 300 -8.20 -17.31 18.25
C TYR A 300 -8.74 -18.23 17.16
N LEU A 301 -8.67 -17.76 15.91
CA LEU A 301 -9.16 -18.54 14.79
C LEU A 301 -8.26 -19.73 14.46
N ASP A 302 -8.86 -20.81 13.97
CA ASP A 302 -8.12 -21.92 13.40
CA ASP A 302 -8.08 -21.90 13.44
C ASP A 302 -7.21 -21.36 12.31
N PRO A 303 -5.90 -21.66 12.38
CA PRO A 303 -4.96 -21.10 11.39
C PRO A 303 -5.25 -21.52 9.96
N SER A 304 -6.05 -22.56 9.75
CA SER A 304 -6.42 -22.94 8.39
C SER A 304 -7.28 -21.87 7.71
N LEU A 305 -7.87 -20.99 8.50
CA LEU A 305 -8.75 -19.95 7.98
C LEU A 305 -7.97 -18.71 7.55
N THR A 306 -6.76 -18.56 8.08
CA THR A 306 -5.96 -17.37 7.79
C THR A 306 -4.77 -17.70 6.90
N LYS A 307 -4.44 -18.98 6.80
CA LYS A 307 -3.29 -19.43 6.02
C LYS A 307 -3.25 -18.86 4.60
N ALA A 308 -2.05 -18.47 4.17
CA ALA A 308 -1.79 -18.13 2.77
C ALA A 308 -2.62 -16.96 2.22
N ASP A 309 -2.75 -15.90 3.02
CA ASP A 309 -3.49 -14.69 2.61
C ASP A 309 -4.94 -14.97 2.24
N ASN A 310 -5.53 -15.99 2.84
CA ASN A 310 -6.94 -16.32 2.61
C ASN A 310 -7.88 -15.14 2.79
N LEU A 311 -7.54 -14.23 3.71
CA LEU A 311 -8.44 -13.13 4.06
C LEU A 311 -8.08 -11.79 3.42
N LEU A 312 -7.11 -11.80 2.50
CA LEU A 312 -6.72 -10.59 1.77
C LEU A 312 -7.96 -9.92 1.17
N GLY A 313 -8.09 -8.61 1.39
CA GLY A 313 -9.22 -7.87 0.86
C GLY A 313 -10.36 -7.67 1.84
N SER A 314 -10.35 -8.43 2.93
CA SER A 314 -11.34 -8.25 3.99
C SER A 314 -11.10 -6.97 4.77
N ILE A 315 -12.04 -6.65 5.65
CA ILE A 315 -11.77 -5.63 6.65
C ILE A 315 -12.05 -6.23 8.03
N ILE A 316 -11.44 -5.62 9.04
CA ILE A 316 -11.76 -5.95 10.42
C ILE A 316 -12.39 -4.73 11.08
N THR A 317 -13.46 -4.96 11.82
CA THR A 317 -14.11 -3.95 12.63
C THR A 317 -14.38 -4.53 14.01
N LEU A 318 -14.88 -3.72 14.92
CA LEU A 318 -15.34 -4.25 16.21
C LEU A 318 -16.58 -5.09 15.94
N ALA A 319 -16.83 -6.07 16.81
CA ALA A 319 -17.90 -7.03 16.58
C ALA A 319 -19.29 -6.40 16.39
N ASP A 320 -19.53 -5.29 17.09
CA ASP A 320 -20.86 -4.68 17.09
C ASP A 320 -21.03 -3.58 16.04
N ALA A 321 -20.01 -3.34 15.24
CA ALA A 321 -20.09 -2.29 14.22
C ALA A 321 -21.09 -2.63 13.13
N GLU A 322 -21.82 -1.61 12.68
CA GLU A 322 -22.72 -1.80 11.55
C GLU A 322 -21.99 -1.45 10.25
N VAL A 323 -21.72 -2.47 9.44
CA VAL A 323 -21.01 -2.28 8.18
C VAL A 323 -21.73 -2.95 7.02
N PRO A 324 -22.12 -2.16 6.01
CA PRO A 324 -22.71 -2.71 4.79
C PRO A 324 -21.77 -3.69 4.11
N VAL A 325 -22.31 -4.86 3.76
CA VAL A 325 -21.61 -5.85 2.97
C VAL A 325 -22.46 -6.06 1.72
N LEU A 326 -21.96 -5.61 0.58
CA LEU A 326 -22.78 -5.44 -0.60
C LEU A 326 -22.37 -6.33 -1.77
N TRP A 327 -23.34 -7.08 -2.29
CA TRP A 327 -23.15 -7.90 -3.48
C TRP A 327 -23.34 -7.07 -4.74
N ASN A 328 -24.16 -6.03 -4.62
CA ASN A 328 -24.45 -5.12 -5.73
C ASN A 328 -24.12 -3.72 -5.29
N ILE A 329 -23.36 -2.99 -6.11
CA ILE A 329 -22.97 -1.63 -5.73
C ILE A 329 -23.26 -0.61 -6.83
N ARG A 330 -23.48 0.62 -6.39
CA ARG A 330 -23.76 1.73 -7.29
C ARG A 330 -22.59 2.69 -7.19
N ILE A 331 -22.02 3.05 -8.34
CA ILE A 331 -20.81 3.84 -8.37
C ILE A 331 -21.01 5.12 -9.19
N LYS A 332 -20.75 6.27 -8.57
CA LYS A 332 -20.70 7.54 -9.30
C LYS A 332 -19.31 7.63 -9.88
N TYR A 333 -19.20 7.52 -11.20
CA TYR A 333 -17.90 7.28 -11.84
C TYR A 333 -17.42 8.36 -12.80
N ASN A 334 -16.11 8.31 -13.05
CA ASN A 334 -15.46 9.10 -14.09
C ASN A 334 -14.49 8.18 -14.82
N LEU A 335 -14.30 8.42 -16.11
CA LEU A 335 -13.33 7.66 -16.88
C LEU A 335 -12.11 8.49 -17.22
N LEU A 336 -10.95 7.83 -17.24
CA LEU A 336 -9.76 8.42 -17.80
C LEU A 336 -9.96 8.52 -19.31
N GLU A 337 -9.23 9.42 -19.94
CA GLU A 337 -9.33 9.61 -21.38
C GLU A 337 -8.56 8.54 -22.12
N ARG A 338 -7.48 8.06 -21.53
CA ARG A 338 -6.67 7.05 -22.19
C ARG A 338 -6.22 5.94 -21.26
N VAL A 339 -5.84 4.82 -21.87
CA VAL A 339 -5.33 3.68 -21.14
C VAL A 339 -3.86 3.94 -20.89
N VAL A 340 -3.55 4.48 -19.72
CA VAL A 340 -2.20 5.01 -19.48
C VAL A 340 -1.14 3.93 -19.30
N GLY A 341 -1.58 2.72 -18.91
CA GLY A 341 -0.66 1.64 -18.61
C GLY A 341 -0.26 0.76 -19.78
N ALA A 342 -0.88 0.97 -20.93
CA ALA A 342 -0.49 0.25 -22.15
C ALA A 342 0.73 0.91 -22.77
N LYS A 343 1.50 0.16 -23.54
CA LYS A 343 2.70 0.72 -24.15
C LYS A 343 2.32 1.79 -25.18
N GLU A 344 1.15 1.62 -25.79
CA GLU A 344 0.57 2.67 -26.62
C GLU A 344 -0.76 3.08 -25.99
N MET A 345 -0.84 4.34 -25.57
CA MET A 345 -2.00 4.82 -24.81
C MET A 345 -3.27 4.99 -25.65
N LEU A 346 -4.07 3.93 -25.75
CA LEU A 346 -5.32 3.97 -26.50
C LEU A 346 -6.37 4.82 -25.80
N LYS A 347 -7.37 5.25 -26.55
CA LYS A 347 -8.53 5.92 -25.96
C LYS A 347 -9.35 4.93 -25.16
N VAL A 348 -10.00 5.42 -24.10
CA VAL A 348 -10.87 4.58 -23.27
C VAL A 348 -12.29 4.57 -23.81
N ASP A 349 -12.84 3.39 -24.06
CA ASP A 349 -14.23 3.28 -24.54
C ASP A 349 -15.21 3.45 -23.38
N PRO A 350 -16.41 3.97 -23.68
CA PRO A 350 -17.44 4.10 -22.64
C PRO A 350 -17.78 2.76 -22.02
N ILE A 351 -18.26 2.78 -20.77
CA ILE A 351 -18.68 1.56 -20.12
C ILE A 351 -20.01 1.12 -20.73
N ARG A 352 -20.16 -0.17 -20.98
CA ARG A 352 -21.42 -0.70 -21.48
C ARG A 352 -21.96 -1.76 -20.54
N ALA A 353 -23.27 -1.92 -20.55
CA ALA A 353 -23.90 -2.97 -19.78
C ALA A 353 -23.36 -4.32 -20.22
N LYS A 354 -23.30 -5.25 -19.26
CA LYS A 354 -22.83 -6.63 -19.47
C LYS A 354 -21.31 -6.77 -19.50
N GLU A 355 -20.59 -5.66 -19.44
CA GLU A 355 -19.14 -5.72 -19.30
C GLU A 355 -18.78 -6.35 -17.97
N THR A 356 -17.69 -7.13 -17.96
CA THR A 356 -17.10 -7.56 -16.71
C THR A 356 -15.98 -6.60 -16.37
N LEU A 357 -16.10 -5.93 -15.23
CA LEU A 357 -15.10 -4.97 -14.80
C LEU A 357 -14.42 -5.45 -13.51
N MET A 358 -13.25 -4.92 -13.24
CA MET A 358 -12.54 -5.17 -12.00
C MET A 358 -12.67 -3.94 -11.10
N LEU A 359 -13.04 -4.15 -9.84
CA LEU A 359 -13.24 -3.05 -8.90
C LEU A 359 -12.26 -3.17 -7.74
N SER A 360 -11.49 -2.12 -7.52
CA SER A 360 -10.63 -2.02 -6.36
C SER A 360 -11.33 -1.18 -5.31
N VAL A 361 -11.60 -1.77 -4.15
CA VAL A 361 -12.26 -1.08 -3.06
C VAL A 361 -11.51 -1.41 -1.78
N GLY A 362 -10.95 -0.40 -1.12
CA GLY A 362 -10.07 -0.64 0.00
C GLY A 362 -8.93 -1.51 -0.46
N SER A 363 -8.68 -2.60 0.25
CA SER A 363 -7.63 -3.53 -0.15
C SER A 363 -8.15 -4.67 -1.02
N SER A 364 -9.45 -4.67 -1.30
CA SER A 364 -10.09 -5.75 -2.05
C SER A 364 -10.08 -5.52 -3.56
N THR A 365 -10.10 -6.61 -4.30
CA THR A 365 -10.18 -6.58 -5.76
C THR A 365 -11.23 -7.60 -6.14
N THR A 366 -12.23 -7.17 -6.91
CA THR A 366 -13.37 -8.03 -7.22
C THR A 366 -13.84 -7.80 -8.65
N LEU A 367 -14.20 -8.87 -9.33
CA LEU A 367 -14.80 -8.76 -10.65
C LEU A 367 -16.31 -8.67 -10.49
N GLY A 368 -16.95 -7.94 -11.39
CA GLY A 368 -18.40 -7.85 -11.39
C GLY A 368 -18.93 -7.55 -12.78
N ILE A 369 -20.23 -7.74 -12.96
CA ILE A 369 -20.87 -7.45 -14.24
C ILE A 369 -21.60 -6.12 -14.13
N VAL A 370 -21.45 -5.27 -15.14
CA VAL A 370 -22.20 -4.03 -15.16
C VAL A 370 -23.64 -4.33 -15.51
N THR A 371 -24.55 -4.02 -14.58
CA THR A 371 -25.97 -4.30 -14.78
C THR A 371 -26.76 -3.07 -15.25
N SER A 372 -26.15 -1.89 -15.09
CA SER A 372 -26.80 -0.64 -15.50
C SER A 372 -25.74 0.42 -15.78
N VAL A 373 -25.93 1.18 -16.86
CA VAL A 373 -25.04 2.30 -17.17
C VAL A 373 -25.85 3.57 -17.43
N LYS A 374 -25.42 4.65 -16.78
CA LYS A 374 -25.91 6.00 -17.09
C LYS A 374 -24.70 6.94 -17.21
N LYS A 375 -24.97 8.22 -17.47
CA LYS A 375 -23.91 9.18 -17.71
C LYS A 375 -22.84 9.19 -16.62
N ASP A 376 -23.28 9.21 -15.37
CA ASP A 376 -22.34 9.34 -14.26
C ASP A 376 -22.44 8.20 -13.25
N GLU A 377 -23.31 7.22 -13.52
CA GLU A 377 -23.53 6.13 -12.57
C GLU A 377 -23.54 4.77 -13.24
N ILE A 378 -22.87 3.81 -12.60
CA ILE A 378 -23.03 2.41 -12.98
C ILE A 378 -23.49 1.59 -11.79
N GLU A 379 -24.15 0.47 -12.06
CA GLU A 379 -24.46 -0.51 -11.03
C GLU A 379 -23.76 -1.79 -11.43
N VAL A 380 -23.17 -2.47 -10.44
CA VAL A 380 -22.35 -3.64 -10.69
C VAL A 380 -22.75 -4.79 -9.77
N GLU A 381 -22.93 -5.96 -10.36
CA GLU A 381 -23.18 -7.18 -9.59
C GLU A 381 -21.85 -7.91 -9.43
N LEU A 382 -21.37 -7.98 -8.19
CA LEU A 382 -20.05 -8.52 -7.88
C LEU A 382 -20.05 -10.03 -7.71
N ARG A 383 -18.89 -10.64 -7.94
CA ARG A 383 -18.71 -12.08 -7.73
C ARG A 383 -18.58 -12.43 -6.25
N ARG A 384 -18.21 -11.45 -5.46
N ARG A 384 -18.22 -11.42 -5.46
CA ARG A 384 -18.19 -11.62 -4.01
CA ARG A 384 -18.03 -11.53 -4.02
C ARG A 384 -18.41 -10.24 -3.42
C ARG A 384 -18.43 -10.18 -3.43
N PRO A 385 -19.14 -10.17 -2.30
CA PRO A 385 -19.54 -8.88 -1.75
C PRO A 385 -18.37 -8.12 -1.18
N VAL A 386 -18.50 -6.79 -1.14
CA VAL A 386 -17.46 -5.97 -0.54
CA VAL A 386 -17.47 -5.94 -0.56
C VAL A 386 -17.98 -5.27 0.72
N ALA A 387 -17.10 -5.14 1.71
CA ALA A 387 -17.40 -4.41 2.92
C ALA A 387 -17.18 -2.93 2.66
N VAL A 388 -18.23 -2.13 2.84
CA VAL A 388 -18.18 -0.69 2.58
C VAL A 388 -18.40 0.07 3.88
N TRP A 389 -17.32 0.52 4.51
CA TRP A 389 -17.33 0.97 5.90
C TRP A 389 -17.71 2.44 6.08
N SER A 390 -17.89 3.15 4.98
CA SER A 390 -18.25 4.55 5.04
C SER A 390 -18.96 4.92 3.75
N ASN A 391 -19.59 6.08 3.71
CA ASN A 391 -20.13 6.59 2.47
C ASN A 391 -19.00 7.14 1.61
N ASN A 392 -19.21 7.17 0.30
CA ASN A 392 -18.26 7.77 -0.64
C ASN A 392 -16.82 7.25 -0.54
N ILE A 393 -16.67 5.94 -0.38
CA ILE A 393 -15.38 5.30 -0.51
C ILE A 393 -14.95 5.27 -1.99
N ARG A 394 -13.67 5.57 -2.22
CA ARG A 394 -13.08 5.54 -3.56
C ARG A 394 -13.03 4.13 -4.12
N THR A 395 -13.42 3.96 -5.37
CA THR A 395 -13.12 2.73 -6.08
C THR A 395 -12.36 3.06 -7.36
N VAL A 396 -11.49 2.16 -7.76
CA VAL A 396 -10.79 2.26 -9.04
C VAL A 396 -11.30 1.16 -9.96
N ILE A 397 -11.57 1.53 -11.20
CA ILE A 397 -12.21 0.65 -12.16
C ILE A 397 -11.21 0.21 -13.22
N SER A 398 -11.13 -1.09 -13.46
CA SER A 398 -10.25 -1.63 -14.50
C SER A 398 -11.04 -2.47 -15.48
N ARG A 399 -10.55 -2.51 -16.71
CA ARG A 399 -11.16 -3.25 -17.81
C ARG A 399 -10.09 -4.14 -18.43
N GLN A 400 -10.47 -5.33 -18.88
CA GLN A 400 -9.51 -6.18 -19.58
C GLN A 400 -9.38 -5.75 -21.03
N ILE A 401 -8.19 -5.29 -21.39
CA ILE A 401 -7.92 -4.80 -22.72
C ILE A 401 -6.67 -5.52 -23.23
N ALA A 402 -6.81 -6.21 -24.36
CA ALA A 402 -5.72 -6.99 -24.94
C ALA A 402 -5.05 -7.91 -23.93
N GLY A 403 -5.86 -8.58 -23.10
CA GLY A 403 -5.36 -9.61 -22.21
C GLY A 403 -4.79 -9.13 -20.89
N ARG A 404 -4.81 -7.82 -20.66
CA ARG A 404 -4.37 -7.25 -19.39
C ARG A 404 -5.47 -6.42 -18.75
N TRP A 405 -5.59 -6.52 -17.43
CA TRP A 405 -6.46 -5.59 -16.71
C TRP A 405 -5.82 -4.22 -16.69
N ARG A 406 -6.58 -3.22 -17.16
CA ARG A 406 -6.07 -1.86 -17.26
C ARG A 406 -6.96 -0.92 -16.49
N MET A 407 -6.36 -0.11 -15.62
CA MET A 407 -7.10 0.95 -14.95
C MET A 407 -7.68 1.91 -16.00
N ILE A 408 -8.99 2.16 -15.93
CA ILE A 408 -9.66 3.04 -16.88
C ILE A 408 -10.50 4.13 -16.24
N GLY A 409 -10.72 4.07 -14.93
CA GLY A 409 -11.57 5.05 -14.30
C GLY A 409 -11.63 4.90 -12.80
N TRP A 410 -12.51 5.69 -12.19
CA TRP A 410 -12.62 5.68 -10.75
C TRP A 410 -13.99 6.21 -10.36
N GLY A 411 -14.32 6.06 -9.09
CA GLY A 411 -15.57 6.60 -8.63
C GLY A 411 -15.75 6.51 -7.13
N LEU A 412 -16.98 6.78 -6.71
CA LEU A 412 -17.36 6.72 -5.32
C LEU A 412 -18.49 5.70 -5.17
N VAL A 413 -18.32 4.79 -4.22
CA VAL A 413 -19.36 3.81 -3.93
C VAL A 413 -20.46 4.48 -3.12
N GLU A 414 -21.66 4.56 -3.69
CA GLU A 414 -22.75 5.29 -3.07
C GLU A 414 -23.62 4.37 -2.24
N ILE A 415 -23.72 4.66 -0.94
CA ILE A 415 -24.57 3.90 -0.04
C ILE A 415 -25.60 4.80 0.63
PG GNP B . 9.57 -4.96 -9.23
O1G GNP B . 9.46 -6.33 -9.89
O2G GNP B . 9.22 -4.93 -7.76
O3G GNP B . 8.76 -3.98 -10.06
N3B GNP B . 11.11 -4.45 -9.30
PB GNP B . 11.80 -3.29 -8.38
O1B GNP B . 11.38 -1.95 -8.91
O2B GNP B . 11.58 -3.53 -6.92
O3A GNP B . 13.34 -3.40 -8.65
PA GNP B . 14.44 -4.15 -7.80
O1A GNP B . 14.78 -3.38 -6.58
O2A GNP B . 14.06 -5.57 -7.64
O5' GNP B . 15.71 -4.05 -8.74
C5' GNP B . 15.70 -4.48 -10.10
C4' GNP B . 17.12 -4.56 -10.63
O4' GNP B . 17.68 -3.22 -10.68
C3' GNP B . 18.06 -5.37 -9.76
O3' GNP B . 19.00 -6.04 -10.57
C2' GNP B . 18.74 -4.30 -8.90
O2' GNP B . 19.99 -4.72 -8.39
C1' GNP B . 18.87 -3.17 -9.92
N9 GNP B . 19.02 -1.88 -9.27
C8 GNP B . 18.24 -1.37 -8.25
N7 GNP B . 18.64 -0.19 -7.87
C5 GNP B . 19.75 0.10 -8.65
C6 GNP B . 20.60 1.22 -8.68
O6 GNP B . 20.56 2.25 -7.98
N1 GNP B . 21.60 1.10 -9.64
C2 GNP B . 21.77 0.01 -10.46
N2 GNP B . 22.80 0.06 -11.33
N3 GNP B . 20.98 -1.05 -10.45
C4 GNP B . 19.99 -0.94 -9.52
MG MG C . 10.18 -4.84 -6.09
PG GNP D . 10.00 -15.89 8.27
O1G GNP D . 9.07 -17.01 8.69
O2G GNP D . 10.58 -16.01 6.89
O3G GNP D . 11.00 -15.78 9.41
N3B GNP D . 9.20 -14.53 8.26
PB GNP D . 8.30 -14.09 9.49
O1B GNP D . 9.04 -14.29 10.75
O2B GNP D . 7.82 -12.72 9.18
O3A GNP D . 7.08 -15.02 9.47
PA GNP D . 6.17 -15.26 10.67
O1A GNP D . 5.16 -16.25 10.24
O2A GNP D . 6.95 -15.58 11.88
O5' GNP D . 5.39 -13.92 10.96
C5' GNP D . 4.27 -13.55 10.17
C4' GNP D . 3.63 -12.28 10.68
O4' GNP D . 2.89 -12.55 11.90
C3' GNP D . 4.60 -11.15 11.03
O3' GNP D . 3.98 -9.89 10.79
C2' GNP D . 4.82 -11.36 12.53
O2' GNP D . 5.21 -10.19 13.19
C1' GNP D . 3.41 -11.76 12.95
N9 GNP D . 3.36 -12.57 14.16
C8 GNP D . 4.16 -13.64 14.48
N7 GNP D . 3.87 -14.17 15.63
C5 GNP D . 2.82 -13.40 16.12
C6 GNP D . 2.10 -13.49 17.33
O6 GNP D . 2.24 -14.29 18.26
N1 GNP D . 1.12 -12.51 17.41
C2 GNP D . 0.88 -11.56 16.45
N2 GNP D . -0.10 -10.69 16.69
N3 GNP D . 1.55 -11.47 15.32
C4 GNP D . 2.50 -12.41 15.21
C1 MPD E . 13.27 8.10 27.60
C2 MPD E . 12.59 6.94 26.88
O2 MPD E . 12.92 6.99 25.47
CM MPD E . 11.07 7.11 27.02
C3 MPD E . 13.05 5.62 27.48
C4 MPD E . 12.86 4.43 26.54
O4 MPD E . 13.96 3.54 26.69
C5 MPD E . 11.58 3.66 26.83
#